data_2NWN
#
_entry.id   2NWN
#
_cell.length_a   120.481
_cell.length_b   120.481
_cell.length_c   42.117
_cell.angle_alpha   90.00
_cell.angle_beta   90.00
_cell.angle_gamma   120.00
#
_symmetry.space_group_name_H-M   'H 3'
#
loop_
_entity.id
_entity.type
_entity.pdbx_description
1 polymer 'Plasminogen activator, urokinase'
2 polymer upain-1
3 water water
#
loop_
_entity_poly.entity_id
_entity_poly.type
_entity_poly.pdbx_seq_one_letter_code
_entity_poly.pdbx_strand_id
1 'polypeptide(L)'
;IIGGEFTTIENQPWFAAIYRRHRGGSVTYVCGGSLISPCWVISATHCFIDYPKKEDYIVYLGRSRLNSNTQGEMKFEVEN
LILHKDYSADTLAHHNDIALLKIRSKEGRCAQPSRTIQTIALPSMYNDPQFGTSCEITGFGKEQSTDYLYPEQLKMTVVK
LISHRECQQPHYYGSEVTTKMLCAADPQWKTDSCQGDSGGPLVCSLQGRMTLTGIVSWGRGCALKDKPGVYTRVSHFLPW
IRSHTKEENGLAL
;
A
2 'polypeptide(L)' CSWRGLENHRMC B
#
# COMPACT_ATOMS: atom_id res chain seq x y z
N ILE A 1 6.98 -5.65 6.46
CA ILE A 1 6.43 -7.02 6.38
C ILE A 1 6.99 -7.94 7.45
N ILE A 2 6.12 -8.38 8.35
CA ILE A 2 6.50 -9.30 9.42
C ILE A 2 6.54 -10.70 8.83
N GLY A 3 7.66 -11.39 8.99
CA GLY A 3 7.78 -12.73 8.44
C GLY A 3 7.85 -12.67 6.93
N GLY A 4 7.12 -13.55 6.27
CA GLY A 4 7.15 -13.56 4.82
C GLY A 4 8.50 -13.93 4.27
N GLU A 5 8.87 -13.32 3.14
CA GLU A 5 10.12 -13.61 2.49
C GLU A 5 10.64 -12.40 1.72
N PHE A 6 11.90 -12.43 1.34
CA PHE A 6 12.47 -11.34 0.56
C PHE A 6 12.13 -11.60 -0.89
N THR A 7 12.15 -10.55 -1.70
CA THR A 7 11.84 -10.68 -3.11
C THR A 7 12.50 -9.53 -3.85
N THR A 8 12.35 -9.51 -5.16
CA THR A 8 12.89 -8.44 -5.98
C THR A 8 11.70 -7.84 -6.70
N ILE A 9 11.85 -6.62 -7.20
CA ILE A 9 10.77 -5.94 -7.88
C ILE A 9 10.15 -6.73 -9.04
N GLU A 10 10.91 -7.63 -9.66
CA GLU A 10 10.40 -8.43 -10.77
C GLU A 10 9.09 -9.14 -10.39
N ASN A 11 9.00 -9.56 -9.12
CA ASN A 11 7.81 -10.27 -8.64
C ASN A 11 6.62 -9.37 -8.34
N GLN A 12 6.86 -8.07 -8.24
CA GLN A 12 5.80 -7.11 -7.98
C GLN A 12 6.21 -5.87 -8.78
N PRO A 13 6.25 -6.00 -10.13
CA PRO A 13 6.64 -4.92 -11.03
C PRO A 13 5.82 -3.62 -10.98
N TRP A 14 4.70 -3.66 -10.26
CA TRP A 14 3.83 -2.51 -10.11
C TRP A 14 4.11 -1.76 -8.81
N PHE A 15 4.95 -2.34 -7.95
CA PHE A 15 5.22 -1.70 -6.68
C PHE A 15 6.03 -0.41 -6.80
N ALA A 16 5.50 0.65 -6.20
CA ALA A 16 6.13 1.96 -6.23
C ALA A 16 6.73 2.29 -4.86
N ALA A 17 7.94 2.83 -4.85
CA ALA A 17 8.61 3.23 -3.61
C ALA A 17 8.58 4.75 -3.56
N ILE A 18 7.91 5.28 -2.56
CA ILE A 18 7.74 6.72 -2.40
C ILE A 18 8.58 7.31 -1.26
N TYR A 19 9.32 8.38 -1.56
CA TYR A 19 10.17 9.04 -0.57
C TYR A 19 9.87 10.55 -0.50
N ARG A 20 10.28 11.18 0.59
CA ARG A 20 10.07 12.61 0.78
C ARG A 20 11.40 13.34 0.96
N ARG A 21 11.52 14.49 0.30
CA ARG A 21 12.71 15.32 0.33
C ARG A 21 13.26 15.65 1.71
N SER A 26 16.31 15.34 3.06
CA SER A 26 16.60 14.16 3.89
C SER A 26 15.74 13.23 3.05
N VAL A 27 15.06 13.02 2.08
CA VAL A 27 15.29 11.65 1.62
C VAL A 27 15.15 10.54 2.66
N THR A 28 13.90 10.22 2.97
CA THR A 28 13.56 9.16 3.89
C THR A 28 12.36 8.45 3.29
N TYR A 29 12.28 7.13 3.47
CA TYR A 29 11.16 6.38 2.93
C TYR A 29 9.86 6.78 3.61
N VAL A 30 8.80 6.85 2.82
CA VAL A 30 7.49 7.23 3.34
C VAL A 30 6.49 6.07 3.34
N CYS A 31 6.20 5.56 2.16
CA CYS A 31 5.23 4.48 1.98
C CYS A 31 5.38 3.86 0.60
N GLY A 32 4.69 2.74 0.39
CA GLY A 32 4.72 2.10 -0.91
C GLY A 32 3.53 2.59 -1.71
N GLY A 33 3.39 2.08 -2.93
CA GLY A 33 2.27 2.43 -3.78
C GLY A 33 2.16 1.37 -4.86
N SER A 34 1.22 1.54 -5.79
CA SER A 34 1.01 0.59 -6.88
C SER A 34 0.75 1.29 -8.21
N LEU A 35 1.48 0.89 -9.24
CA LEU A 35 1.31 1.49 -10.56
C LEU A 35 0.07 0.91 -11.24
N ILE A 36 -0.95 1.75 -11.45
CA ILE A 36 -2.20 1.32 -12.08
C ILE A 36 -2.27 1.73 -13.56
N SER A 37 -1.47 2.72 -13.95
CA SER A 37 -1.40 3.18 -15.33
C SER A 37 -0.03 3.82 -15.48
N PRO A 38 0.45 3.97 -16.72
CA PRO A 38 1.77 4.58 -16.94
C PRO A 38 2.03 5.87 -16.17
N CYS A 39 1.02 6.74 -16.09
CA CYS A 39 1.22 8.01 -15.40
C CYS A 39 0.64 8.06 -13.99
N TRP A 40 0.01 6.98 -13.52
CA TRP A 40 -0.58 7.03 -12.19
C TRP A 40 -0.23 5.94 -11.18
N VAL A 41 0.14 6.39 -9.98
CA VAL A 41 0.46 5.49 -8.89
C VAL A 41 -0.60 5.71 -7.82
N ILE A 42 -1.12 4.62 -7.25
CA ILE A 42 -2.15 4.74 -6.22
C ILE A 42 -1.59 4.33 -4.87
N SER A 43 -1.97 5.06 -3.82
CA SER A 43 -1.45 4.78 -2.49
C SER A 43 -2.47 5.14 -1.39
N ALA A 44 -1.97 5.49 -0.20
CA ALA A 44 -2.84 5.85 0.92
C ALA A 44 -2.67 7.33 1.31
N THR A 45 -3.78 8.01 1.61
CA THR A 45 -3.73 9.42 1.97
C THR A 45 -2.98 9.72 3.28
N HIS A 46 -3.11 8.85 4.27
CA HIS A 46 -2.44 9.10 5.56
C HIS A 46 -0.93 9.27 5.41
N CYS A 47 -0.39 8.73 4.33
CA CYS A 47 1.04 8.83 4.08
C CYS A 47 1.49 10.25 3.73
N PHE A 48 0.58 11.07 3.23
CA PHE A 48 0.92 12.44 2.83
C PHE A 48 0.10 13.54 3.49
N ILE A 49 -1.00 13.17 4.14
CA ILE A 49 -1.89 14.14 4.76
C ILE A 49 -1.21 15.26 5.56
N ASP A 50 -0.13 14.94 6.24
CA ASP A 50 0.58 15.94 7.03
C ASP A 50 1.55 16.80 6.24
N TYR A 51 1.93 16.37 5.05
CA TYR A 51 2.86 17.12 4.19
C TYR A 51 2.37 17.00 2.74
N PRO A 52 1.22 17.62 2.44
CA PRO A 52 0.56 17.64 1.13
C PRO A 52 1.36 18.20 -0.05
N LYS A 53 2.45 18.91 0.22
CA LYS A 53 3.22 19.49 -0.87
C LYS A 53 3.83 18.42 -1.77
N LYS A 54 3.32 18.33 -3.01
CA LYS A 54 3.79 17.35 -3.99
C LYS A 54 5.27 17.51 -4.35
N GLU A 55 5.83 18.68 -4.08
CA GLU A 55 7.23 18.97 -4.39
C GLU A 55 8.24 18.25 -3.52
N ASP A 56 7.81 17.76 -2.36
CA ASP A 56 8.76 17.09 -1.48
C ASP A 56 8.83 15.59 -1.76
N TYR A 57 8.11 15.12 -2.78
CA TYR A 57 8.11 13.69 -3.05
C TYR A 57 8.86 13.15 -4.26
N ILE A 58 9.37 11.95 -4.08
CA ILE A 58 10.13 11.24 -5.11
C ILE A 58 9.56 9.83 -5.16
N VAL A 59 9.17 9.41 -6.37
CA VAL A 59 8.61 8.08 -6.57
C VAL A 59 9.54 7.27 -7.47
N TYR A 60 9.78 6.02 -7.11
CA TYR A 60 10.62 5.13 -7.92
C TYR A 60 9.81 3.92 -8.33
N LEU A 61 10.07 3.42 -9.52
CA LEU A 61 9.42 2.22 -10.04
C LEU A 61 10.58 1.30 -10.45
N GLY A 62 10.41 -0.01 -10.30
CA GLY A 62 11.47 -0.94 -10.64
C GLY A 62 12.62 -0.96 -9.63
N ARG A 63 12.33 -0.60 -8.38
CA ARG A 63 13.33 -0.55 -7.30
C ARG A 63 13.09 -1.67 -6.28
N SER A 64 14.13 -2.46 -6.01
CA SER A 64 14.08 -3.59 -5.06
C SER A 64 14.76 -3.36 -3.71
N ARG A 65 15.60 -2.33 -3.60
CA ARG A 65 16.29 -2.05 -2.35
C ARG A 65 15.93 -0.65 -1.85
N LEU A 66 15.90 -0.48 -0.54
CA LEU A 66 15.53 0.79 0.06
C LEU A 66 16.47 1.95 -0.22
N ASN A 67 17.74 1.74 0.08
CA ASN A 67 18.73 2.78 -0.09
C ASN A 67 19.77 2.56 -1.17
N SER A 68 19.43 1.76 -2.18
CA SER A 68 20.33 1.51 -3.31
C SER A 68 19.54 1.60 -4.61
N ASN A 69 20.21 1.99 -5.69
CA ASN A 69 19.57 2.14 -6.99
C ASN A 69 19.51 0.88 -7.85
N THR A 70 18.43 0.13 -7.71
CA THR A 70 18.23 -1.10 -8.48
C THR A 70 18.34 -0.76 -9.97
N GLN A 71 19.23 -1.43 -10.68
CA GLN A 71 19.39 -1.12 -12.10
C GLN A 71 18.09 -1.34 -12.86
N GLY A 72 17.82 -0.44 -13.80
CA GLY A 72 16.60 -0.53 -14.57
C GLY A 72 15.48 0.24 -13.91
N GLU A 73 15.77 0.89 -12.78
CA GLU A 73 14.75 1.67 -12.06
C GLU A 73 14.49 3.02 -12.71
N MET A 74 13.35 3.61 -12.38
CA MET A 74 12.97 4.92 -12.91
C MET A 74 12.58 5.86 -11.78
N LYS A 75 13.15 7.06 -11.81
CA LYS A 75 12.87 8.08 -10.80
C LYS A 75 11.88 9.07 -11.36
N PHE A 76 10.86 9.39 -10.56
CA PHE A 76 9.82 10.31 -10.99
C PHE A 76 9.51 11.39 -9.97
N GLU A 77 8.92 12.47 -10.45
CA GLU A 77 8.50 13.57 -9.60
C GLU A 77 6.99 13.44 -9.57
N VAL A 78 6.37 14.07 -8.58
CA VAL A 78 4.92 14.02 -8.44
C VAL A 78 4.32 15.26 -9.07
N GLU A 79 3.74 15.09 -10.25
CA GLU A 79 3.13 16.21 -10.95
C GLU A 79 1.87 16.64 -10.21
N ASN A 80 1.11 15.64 -9.73
CA ASN A 80 -0.14 15.88 -9.00
C ASN A 80 -0.27 14.91 -7.82
N LEU A 81 -0.59 15.43 -6.64
CA LEU A 81 -0.78 14.62 -5.44
C LEU A 81 -2.23 14.80 -5.04
N ILE A 82 -3.05 13.78 -5.31
CA ILE A 82 -4.47 13.85 -5.01
C ILE A 82 -4.88 13.03 -3.79
N LEU A 83 -5.26 13.72 -2.73
CA LEU A 83 -5.68 13.07 -1.50
C LEU A 83 -7.20 13.02 -1.48
N HIS A 84 -7.77 12.00 -0.83
CA HIS A 84 -9.21 11.87 -0.80
C HIS A 84 -9.83 12.89 0.15
N LYS A 85 -10.65 13.78 -0.41
CA LYS A 85 -11.31 14.83 0.36
C LYS A 85 -12.10 14.33 1.57
N ASP A 86 -12.54 13.08 1.55
CA ASP A 86 -13.31 12.55 2.67
C ASP A 86 -12.47 11.78 3.69
N TYR A 87 -11.16 11.97 3.66
CA TYR A 87 -10.29 11.30 4.61
C TYR A 87 -10.69 11.71 6.03
N SER A 88 -10.61 10.78 6.97
CA SER A 88 -10.93 11.02 8.37
C SER A 88 -9.95 10.10 9.10
N ALA A 89 -9.52 9.69 10.19
CA ALA A 89 -8.96 9.11 11.41
C ALA A 89 -9.08 9.78 12.77
N LEU A 92 -5.81 4.68 11.53
CA LEU A 92 -6.47 3.94 12.60
C LEU A 92 -7.83 4.57 12.95
N ALA A 93 -8.58 3.55 12.79
CA ALA A 93 -9.79 3.69 12.00
C ALA A 93 -9.47 4.84 11.05
N HIS A 94 -8.70 5.41 10.09
CA HIS A 94 -8.51 5.96 8.75
C HIS A 94 -9.58 5.58 7.74
N HIS A 95 -10.42 6.54 7.41
CA HIS A 95 -11.46 6.32 6.42
C HIS A 95 -10.98 6.90 5.11
N ASN A 96 -11.45 6.31 4.02
CA ASN A 96 -11.10 6.75 2.69
C ASN A 96 -9.60 6.99 2.60
N ASP A 97 -8.84 6.01 3.06
CA ASP A 97 -7.39 6.12 3.07
C ASP A 97 -6.90 5.69 1.70
N ILE A 98 -6.98 6.60 0.75
CA ILE A 98 -6.57 6.33 -0.62
C ILE A 98 -6.12 7.61 -1.27
N ALA A 99 -5.06 7.54 -2.08
CA ALA A 99 -4.53 8.71 -2.77
C ALA A 99 -3.93 8.36 -4.12
N LEU A 100 -3.86 9.34 -5.01
CA LEU A 100 -3.30 9.18 -6.34
C LEU A 100 -2.16 10.16 -6.56
N LEU A 101 -1.07 9.67 -7.13
CA LEU A 101 0.09 10.48 -7.44
C LEU A 101 0.34 10.41 -8.94
N LYS A 102 0.22 11.55 -9.60
CA LYS A 102 0.48 11.60 -11.03
C LYS A 102 1.98 11.74 -11.16
N ILE A 103 2.61 10.78 -11.84
CA ILE A 103 4.07 10.83 -11.99
C ILE A 103 4.56 11.25 -13.37
N ARG A 104 5.72 11.88 -13.37
CA ARG A 104 6.38 12.31 -14.60
C ARG A 104 7.86 12.55 -14.28
N SER A 105 8.74 12.03 -15.12
CA SER A 105 10.17 12.19 -14.91
C SER A 105 10.59 13.60 -15.28
N LYS A 106 11.86 13.94 -15.00
CA LYS A 106 12.36 15.26 -15.33
C LYS A 106 12.31 15.46 -16.84
N GLU A 107 12.42 14.36 -17.57
CA GLU A 107 12.35 14.40 -19.03
C GLU A 107 10.90 14.65 -19.40
N GLY A 108 10.07 14.79 -18.38
CA GLY A 108 8.65 15.04 -18.59
C GLY A 108 7.87 13.86 -19.14
N ARG A 109 8.21 12.65 -18.72
CA ARG A 109 7.52 11.46 -19.21
C ARG A 109 7.03 10.54 -18.10
N CYS A 110 6.07 9.69 -18.43
CA CYS A 110 5.53 8.75 -17.46
C CYS A 110 6.38 7.49 -17.45
N ALA A 111 5.94 6.46 -16.74
CA ALA A 111 6.72 5.23 -16.66
C ALA A 111 6.63 4.41 -17.95
N GLN A 112 7.73 3.72 -18.26
CA GLN A 112 7.82 2.87 -19.44
C GLN A 112 7.88 1.42 -18.96
N PRO A 113 6.89 0.60 -19.32
CA PRO A 113 6.86 -0.80 -18.92
C PRO A 113 8.14 -1.55 -19.27
N SER A 114 8.45 -2.57 -18.47
CA SER A 114 9.63 -3.40 -18.69
C SER A 114 9.48 -4.64 -17.82
N ARG A 115 10.54 -5.42 -17.70
CA ARG A 115 10.47 -6.63 -16.90
C ARG A 115 10.30 -6.30 -15.41
N THR A 116 10.80 -5.12 -15.01
CA THR A 116 10.73 -4.70 -13.61
C THR A 116 9.72 -3.60 -13.34
N ILE A 117 8.99 -3.19 -14.38
CA ILE A 117 8.00 -2.13 -14.24
C ILE A 117 6.73 -2.45 -15.03
N GLN A 118 5.69 -2.85 -14.32
CA GLN A 118 4.41 -3.19 -14.95
C GLN A 118 3.28 -2.60 -14.13
N THR A 119 2.08 -2.52 -14.72
CA THR A 119 0.91 -1.98 -14.02
C THR A 119 0.11 -3.12 -13.40
N ILE A 120 -0.78 -2.80 -12.47
CA ILE A 120 -1.62 -3.81 -11.82
C ILE A 120 -3.08 -3.51 -12.14
N ALA A 121 -3.84 -4.53 -12.53
CA ALA A 121 -5.24 -4.34 -12.87
C ALA A 121 -6.06 -3.96 -11.66
N LEU A 122 -7.10 -3.17 -11.90
CA LEU A 122 -7.99 -2.73 -10.84
C LEU A 122 -9.14 -3.73 -10.81
N PRO A 123 -9.83 -3.84 -9.68
CA PRO A 123 -10.96 -4.75 -9.51
C PRO A 123 -12.20 -4.19 -10.19
N SER A 124 -13.22 -5.03 -10.31
CA SER A 124 -14.51 -4.60 -10.86
C SER A 124 -15.22 -4.12 -9.61
N MET A 125 -16.08 -3.11 -9.73
CA MET A 125 -16.77 -2.58 -8.57
C MET A 125 -17.41 -3.66 -7.69
N TYR A 126 -17.23 -3.51 -6.39
CA TYR A 126 -17.80 -4.44 -5.42
C TYR A 126 -17.61 -5.89 -5.84
N ASN A 127 -16.41 -6.20 -6.32
CA ASN A 127 -16.08 -7.54 -6.76
C ASN A 127 -14.77 -7.93 -6.08
N ASP A 128 -14.85 -8.60 -4.94
CA ASP A 128 -13.67 -9.02 -4.20
C ASP A 128 -13.60 -10.52 -4.01
N PRO A 129 -12.39 -11.05 -3.80
CA PRO A 129 -12.21 -12.49 -3.60
C PRO A 129 -13.06 -12.93 -2.43
N GLN A 130 -13.38 -14.22 -2.38
CA GLN A 130 -14.18 -14.72 -1.28
C GLN A 130 -13.27 -14.72 -0.05
N PHE A 131 -13.86 -14.47 1.11
CA PHE A 131 -13.06 -14.46 2.33
C PHE A 131 -12.36 -15.78 2.52
N GLY A 132 -11.16 -15.73 3.10
CA GLY A 132 -10.38 -16.93 3.30
C GLY A 132 -9.40 -17.07 2.15
N THR A 133 -9.60 -16.29 1.09
CA THR A 133 -8.72 -16.31 -0.06
C THR A 133 -7.36 -15.76 0.33
N SER A 134 -6.31 -16.30 -0.27
CA SER A 134 -4.95 -15.85 0.02
C SER A 134 -4.47 -14.83 -1.00
N CYS A 135 -4.03 -13.69 -0.51
CA CYS A 135 -3.54 -12.63 -1.37
C CYS A 135 -2.12 -12.29 -0.92
N GLU A 136 -1.44 -11.45 -1.68
CA GLU A 136 -0.07 -11.07 -1.35
C GLU A 136 0.03 -9.59 -0.97
N ILE A 137 0.96 -9.26 -0.08
CA ILE A 137 1.21 -7.89 0.33
C ILE A 137 2.71 -7.67 0.20
N THR A 138 3.08 -6.51 -0.31
CA THR A 138 4.48 -6.19 -0.54
C THR A 138 4.92 -4.86 0.06
N GLY A 139 6.16 -4.77 0.54
CA GLY A 139 6.62 -3.52 1.11
C GLY A 139 7.98 -3.56 1.75
N PHE A 140 8.45 -2.36 2.12
CA PHE A 140 9.73 -2.14 2.79
C PHE A 140 9.49 -1.89 4.27
N GLY A 141 8.29 -2.21 4.75
CA GLY A 141 7.97 -2.00 6.16
C GLY A 141 8.83 -2.78 7.14
N LYS A 142 8.70 -2.47 8.43
CA LYS A 142 9.48 -3.16 9.45
C LYS A 142 9.29 -4.66 9.39
N GLU A 143 10.33 -5.40 9.78
CA GLU A 143 10.29 -6.85 9.80
C GLU A 143 9.87 -7.30 11.20
N GLN A 144 9.99 -6.39 12.15
CA GLN A 144 9.62 -6.67 13.54
C GLN A 144 9.05 -5.37 14.09
N SER A 145 8.02 -5.48 14.94
CA SER A 145 7.41 -4.29 15.52
C SER A 145 8.43 -3.48 16.30
N THR A 146 9.34 -4.17 16.99
CA THR A 146 10.37 -3.51 17.78
C THR A 146 11.52 -2.94 16.94
N ASP A 147 11.61 -3.34 15.68
CA ASP A 147 12.69 -2.84 14.83
C ASP A 147 12.60 -1.32 14.73
N TYR A 148 13.77 -0.69 14.63
CA TYR A 148 13.85 0.75 14.50
C TYR A 148 14.16 1.07 13.05
N LEU A 149 14.63 0.08 12.31
CA LEU A 149 14.97 0.24 10.90
C LEU A 149 14.01 -0.49 9.96
N TYR A 150 14.00 -0.07 8.70
CA TYR A 150 13.21 -0.75 7.68
C TYR A 150 14.21 -1.63 6.97
N PRO A 151 13.77 -2.79 6.44
CA PRO A 151 14.67 -3.69 5.73
C PRO A 151 15.18 -3.02 4.46
N GLU A 152 16.36 -3.45 4.03
CA GLU A 152 16.99 -2.90 2.84
C GLU A 152 16.44 -3.59 1.59
N GLN A 153 16.09 -4.86 1.72
CA GLN A 153 15.56 -5.64 0.59
C GLN A 153 14.02 -5.72 0.65
N LEU A 154 13.39 -5.62 -0.52
CA LEU A 154 11.93 -5.67 -0.64
C LEU A 154 11.41 -7.00 -0.11
N LYS A 155 10.23 -6.98 0.52
CA LYS A 155 9.65 -8.21 1.03
C LYS A 155 8.19 -8.35 0.62
N MET A 156 7.69 -9.58 0.73
CA MET A 156 6.30 -9.87 0.43
C MET A 156 5.89 -11.07 1.28
N THR A 157 4.60 -11.19 1.55
CA THR A 157 4.10 -12.31 2.33
C THR A 157 2.65 -12.56 1.95
N VAL A 158 2.06 -13.59 2.56
CA VAL A 158 0.68 -13.96 2.27
C VAL A 158 -0.22 -13.86 3.49
N VAL A 159 -1.40 -13.26 3.30
CA VAL A 159 -2.40 -13.11 4.35
C VAL A 159 -3.75 -13.49 3.75
N LYS A 160 -4.68 -13.91 4.61
CA LYS A 160 -6.00 -14.30 4.12
C LYS A 160 -7.09 -13.27 4.42
N LEU A 161 -7.91 -13.01 3.41
CA LEU A 161 -9.02 -12.08 3.51
C LEU A 161 -9.97 -12.50 4.64
N ILE A 162 -10.38 -11.53 5.44
CA ILE A 162 -11.27 -11.79 6.57
C ILE A 162 -12.61 -11.07 6.33
N SER A 163 -13.72 -11.75 6.61
CA SER A 163 -15.06 -11.18 6.43
C SER A 163 -15.28 -10.01 7.38
N HIS A 164 -16.06 -9.03 6.94
CA HIS A 164 -16.33 -7.86 7.76
C HIS A 164 -17.04 -8.21 9.06
N ARG A 165 -17.85 -9.27 9.03
CA ARG A 165 -18.58 -9.69 10.23
C ARG A 165 -17.62 -10.16 11.31
N GLU A 166 -16.59 -10.87 10.90
CA GLU A 166 -15.60 -11.37 11.84
C GLU A 166 -14.65 -10.27 12.31
N CYS A 167 -14.33 -9.34 11.42
CA CYS A 167 -13.42 -8.26 11.77
C CYS A 167 -14.15 -7.23 12.62
N GLN A 168 -15.46 -7.21 12.46
CA GLN A 168 -16.35 -6.29 13.16
C GLN A 168 -16.43 -6.64 14.64
N GLN A 169 -16.22 -7.90 14.98
CA GLN A 169 -16.28 -8.34 16.38
C GLN A 169 -15.47 -7.44 17.29
N PRO A 170 -15.92 -7.29 18.55
CA PRO A 170 -15.21 -6.44 19.50
C PRO A 170 -13.79 -6.90 19.79
N HIS A 171 -13.59 -8.21 20.01
CA HIS A 171 -12.25 -8.70 20.31
C HIS A 171 -11.28 -8.49 19.15
N TYR A 172 -11.81 -8.04 18.01
CA TYR A 172 -11.01 -7.73 16.85
C TYR A 172 -10.96 -6.21 16.80
N TYR A 173 -11.56 -5.62 15.77
CA TYR A 173 -11.57 -4.16 15.64
C TYR A 173 -12.90 -3.49 15.93
N GLY A 174 -13.92 -4.29 16.26
CA GLY A 174 -15.23 -3.71 16.54
C GLY A 174 -15.77 -2.98 15.33
N SER A 175 -16.22 -1.75 15.53
CA SER A 175 -16.77 -0.98 14.42
C SER A 175 -15.75 -0.05 13.80
N GLU A 176 -14.51 -0.11 14.28
CA GLU A 176 -13.45 0.73 13.74
C GLU A 176 -13.27 0.39 12.27
N VAL A 177 -13.69 -0.82 11.91
CA VAL A 177 -13.60 -1.29 10.55
C VAL A 177 -14.96 -1.19 9.88
N THR A 178 -14.99 -0.72 8.63
CA THR A 178 -16.25 -0.57 7.89
C THR A 178 -16.23 -1.37 6.59
N THR A 179 -17.37 -1.36 5.90
CA THR A 179 -17.50 -2.07 4.64
C THR A 179 -16.59 -1.49 3.57
N LYS A 180 -16.04 -0.30 3.82
CA LYS A 180 -15.13 0.31 2.86
C LYS A 180 -13.72 -0.15 3.18
N MET A 181 -13.60 -1.08 4.13
CA MET A 181 -12.32 -1.61 4.53
C MET A 181 -12.28 -3.13 4.40
N LEU A 182 -11.09 -3.67 4.22
CA LEU A 182 -10.91 -5.11 4.13
C LEU A 182 -9.85 -5.50 5.14
N CYS A 183 -10.14 -6.53 5.93
CA CYS A 183 -9.19 -7.01 6.92
C CYS A 183 -8.53 -8.23 6.31
N ALA A 184 -7.29 -8.48 6.72
CA ALA A 184 -6.56 -9.62 6.20
C ALA A 184 -5.53 -10.00 7.25
N ALA A 185 -5.28 -11.29 7.37
CA ALA A 185 -4.33 -11.75 8.36
C ALA A 185 -3.96 -13.21 8.18
N ASP A 186 -3.00 -13.65 8.99
CA ASP A 186 -2.53 -15.02 8.96
C ASP A 186 -3.32 -15.79 10.01
N PRO A 187 -3.78 -17.01 9.67
CA PRO A 187 -4.55 -17.76 10.66
C PRO A 187 -3.78 -17.94 11.97
N GLN A 188 -2.45 -17.94 11.87
CA GLN A 188 -1.61 -18.07 13.06
C GLN A 188 -1.01 -16.74 13.48
N TRP A 189 -1.39 -15.68 12.76
CA TRP A 189 -0.92 -14.31 13.02
C TRP A 189 0.59 -14.26 13.03
N LYS A 190 1.21 -15.14 12.24
CA LYS A 190 2.66 -15.25 12.14
C LYS A 190 3.27 -14.25 11.16
N THR A 191 2.45 -13.74 10.24
CA THR A 191 2.95 -12.82 9.23
C THR A 191 1.94 -11.68 8.99
N ASP A 192 2.42 -10.54 8.52
CA ASP A 192 1.53 -9.40 8.35
C ASP A 192 2.29 -8.19 7.83
N SER A 193 1.55 -7.14 7.48
CA SER A 193 2.18 -5.89 7.04
C SER A 193 2.43 -5.14 8.34
N CYS A 194 3.31 -4.14 8.29
CA CYS A 194 3.63 -3.37 9.48
C CYS A 194 3.98 -1.95 9.07
N GLN A 195 4.48 -1.15 10.02
CA GLN A 195 4.80 0.23 9.72
C GLN A 195 5.76 0.36 8.54
N GLY A 196 5.45 1.27 7.63
CA GLY A 196 6.28 1.45 6.46
C GLY A 196 5.71 0.73 5.25
N ASP A 197 4.77 -0.19 5.47
CA ASP A 197 4.16 -0.91 4.35
C ASP A 197 2.89 -0.21 3.87
N SER A 198 2.44 0.80 4.61
CA SER A 198 1.24 1.53 4.26
C SER A 198 1.30 2.06 2.84
N GLY A 199 0.14 2.10 2.17
CA GLY A 199 0.11 2.57 0.81
C GLY A 199 0.43 1.45 -0.17
N GLY A 200 0.98 0.35 0.35
CA GLY A 200 1.34 -0.79 -0.47
C GLY A 200 0.16 -1.63 -0.94
N PRO A 201 0.37 -2.49 -1.95
CA PRO A 201 -0.66 -3.36 -2.53
C PRO A 201 -0.99 -4.68 -1.86
N LEU A 202 -2.29 -4.98 -1.83
CA LEU A 202 -2.84 -6.24 -1.32
C LEU A 202 -3.29 -6.78 -2.66
N VAL A 203 -2.60 -7.78 -3.17
CA VAL A 203 -2.91 -8.33 -4.47
C VAL A 203 -3.53 -9.72 -4.43
N CYS A 204 -4.71 -9.83 -5.04
CA CYS A 204 -5.42 -11.10 -5.09
C CYS A 204 -5.69 -11.53 -6.52
N SER A 205 -5.85 -12.84 -6.69
CA SER A 205 -6.15 -13.43 -7.98
C SER A 205 -7.65 -13.53 -8.11
N LEU A 206 -8.20 -12.91 -9.15
CA LEU A 206 -9.64 -12.94 -9.38
C LEU A 206 -9.96 -13.32 -10.81
N GLN A 207 -10.56 -14.50 -10.98
CA GLN A 207 -10.93 -14.99 -12.30
C GLN A 207 -9.69 -15.15 -13.18
N GLY A 208 -8.57 -15.47 -12.54
CA GLY A 208 -7.34 -15.66 -13.29
C GLY A 208 -6.66 -14.35 -13.66
N ARG A 209 -6.63 -13.42 -12.71
CA ARG A 209 -5.99 -12.14 -12.98
C ARG A 209 -5.58 -11.44 -11.68
N MET A 210 -4.29 -11.15 -11.57
CA MET A 210 -3.77 -10.47 -10.39
C MET A 210 -4.47 -9.12 -10.32
N THR A 211 -5.17 -8.87 -9.22
CA THR A 211 -5.92 -7.65 -9.04
C THR A 211 -5.54 -6.91 -7.76
N LEU A 212 -5.60 -5.57 -7.83
CA LEU A 212 -5.28 -4.73 -6.68
C LEU A 212 -6.53 -4.60 -5.81
N THR A 213 -6.72 -5.60 -4.94
CA THR A 213 -7.87 -5.65 -4.05
C THR A 213 -7.80 -4.66 -2.87
N GLY A 214 -6.60 -4.43 -2.36
CA GLY A 214 -6.48 -3.50 -1.25
C GLY A 214 -5.19 -2.70 -1.21
N ILE A 215 -5.18 -1.70 -0.33
CA ILE A 215 -4.04 -0.81 -0.13
C ILE A 215 -3.78 -0.77 1.38
N VAL A 216 -2.57 -1.16 1.81
CA VAL A 216 -2.27 -1.17 3.24
C VAL A 216 -2.69 0.18 3.85
N SER A 217 -3.55 0.12 4.86
CA SER A 217 -4.02 1.34 5.49
C SER A 217 -3.67 1.48 6.97
N TRP A 218 -4.18 0.59 7.82
CA TRP A 218 -3.86 0.71 9.23
C TRP A 218 -4.01 -0.60 9.99
N GLY A 219 -3.57 -0.59 11.24
CA GLY A 219 -3.67 -1.78 12.07
C GLY A 219 -3.19 -1.54 13.49
N ARG A 220 -3.62 -2.39 14.41
CA ARG A 220 -3.20 -2.27 15.80
C ARG A 220 -1.94 -3.10 15.94
N GLY A 221 -0.80 -2.44 16.11
CA GLY A 221 0.45 -3.17 16.23
C GLY A 221 0.69 -3.94 14.93
N CYS A 222 1.40 -5.06 15.02
CA CYS A 222 1.68 -5.85 13.85
C CYS A 222 1.71 -7.34 14.18
N ALA A 223 1.05 -8.13 13.35
CA ALA A 223 1.01 -9.57 13.55
C ALA A 223 0.63 -9.93 14.99
N LEU A 224 -0.36 -9.22 15.52
CA LEU A 224 -0.87 -9.47 16.88
C LEU A 224 -2.16 -10.25 16.73
N LYS A 225 -2.37 -11.23 17.62
CA LYS A 225 -3.56 -12.05 17.61
C LYS A 225 -4.84 -11.18 17.65
N ASP A 226 -5.82 -11.55 16.83
CA ASP A 226 -7.10 -10.85 16.75
C ASP A 226 -6.97 -9.40 16.29
N LYS A 227 -5.81 -9.03 15.76
CA LYS A 227 -5.59 -7.67 15.27
C LYS A 227 -5.13 -7.70 13.82
N PRO A 228 -6.07 -7.91 12.90
CA PRO A 228 -5.79 -7.98 11.46
C PRO A 228 -5.14 -6.73 10.87
N GLY A 229 -4.62 -6.85 9.66
CA GLY A 229 -4.09 -5.68 9.01
C GLY A 229 -5.33 -5.16 8.29
N VAL A 230 -5.54 -3.84 8.27
CA VAL A 230 -6.72 -3.28 7.60
C VAL A 230 -6.32 -2.60 6.29
N TYR A 231 -7.07 -2.89 5.24
CA TYR A 231 -6.77 -2.36 3.92
C TYR A 231 -7.93 -1.59 3.30
N THR A 232 -7.62 -0.57 2.51
CA THR A 232 -8.66 0.21 1.86
C THR A 232 -9.21 -0.71 0.78
N ARG A 233 -10.53 -0.88 0.78
CA ARG A 233 -11.20 -1.75 -0.18
C ARG A 233 -11.34 -1.05 -1.54
N VAL A 234 -10.34 -1.26 -2.40
CA VAL A 234 -10.30 -0.63 -3.73
C VAL A 234 -11.54 -0.75 -4.64
N SER A 235 -12.21 -1.89 -4.63
CA SER A 235 -13.38 -2.06 -5.49
C SER A 235 -14.55 -1.20 -5.05
N HIS A 236 -14.33 -0.35 -4.04
CA HIS A 236 -15.37 0.54 -3.53
C HIS A 236 -15.02 1.99 -3.83
N PHE A 237 -13.89 2.20 -4.51
CA PHE A 237 -13.44 3.55 -4.83
C PHE A 237 -13.16 3.75 -6.32
N LEU A 238 -13.73 2.90 -7.17
CA LEU A 238 -13.50 3.00 -8.61
C LEU A 238 -13.99 4.33 -9.21
N PRO A 239 -15.17 4.81 -8.80
CA PRO A 239 -15.63 6.08 -9.37
C PRO A 239 -14.59 7.15 -9.03
N TRP A 240 -14.21 7.22 -7.76
CA TRP A 240 -13.23 8.19 -7.32
C TRP A 240 -11.95 8.09 -8.13
N ILE A 241 -11.44 6.87 -8.33
CA ILE A 241 -10.21 6.69 -9.09
C ILE A 241 -10.29 7.15 -10.54
N ARG A 242 -11.35 6.74 -11.24
CA ARG A 242 -11.53 7.10 -12.64
C ARG A 242 -11.67 8.60 -12.88
N SER A 243 -12.45 9.27 -12.05
CA SER A 243 -12.63 10.71 -12.23
C SER A 243 -11.30 11.44 -12.07
N HIS A 244 -10.62 11.20 -10.96
CA HIS A 244 -9.36 11.87 -10.70
C HIS A 244 -8.21 11.45 -11.61
N THR A 245 -8.44 10.47 -12.47
CA THR A 245 -7.41 10.00 -13.39
C THR A 245 -7.82 10.11 -14.85
N LYS A 246 -8.83 10.94 -15.13
CA LYS A 246 -9.30 11.12 -16.50
C LYS A 246 -8.28 11.90 -17.31
N CYS B 1 2.34 5.84 16.62
CA CYS B 1 3.45 6.23 15.68
C CYS B 1 4.24 5.02 15.19
N SER B 2 4.00 3.88 15.82
CA SER B 2 4.70 2.64 15.45
C SER B 2 3.87 1.78 14.50
N TRP B 3 2.60 2.10 14.35
CA TRP B 3 1.71 1.30 13.50
C TRP B 3 1.40 1.94 12.15
N ARG B 4 0.77 1.17 11.27
CA ARG B 4 0.40 1.68 9.95
C ARG B 4 -0.66 2.75 10.23
N GLY B 5 -0.60 3.85 9.49
CA GLY B 5 -1.56 4.92 9.69
C GLY B 5 -0.90 6.20 10.15
N LEU B 6 0.28 6.10 10.75
CA LEU B 6 0.98 7.28 11.24
C LEU B 6 2.36 7.57 10.65
N GLU B 7 2.69 6.92 9.54
CA GLU B 7 3.99 7.19 8.92
C GLU B 7 3.98 8.59 8.32
N ASN B 8 5.12 9.25 8.35
CA ASN B 8 5.25 10.61 7.80
C ASN B 8 4.25 11.57 8.43
N HIS B 9 4.04 11.44 9.74
CA HIS B 9 3.12 12.31 10.47
C HIS B 9 3.91 13.23 11.40
N ARG B 10 3.66 14.53 11.27
CA ARG B 10 4.33 15.55 12.06
C ARG B 10 4.42 15.27 13.55
N MET B 11 3.29 14.90 14.16
CA MET B 11 3.28 14.63 15.60
C MET B 11 4.37 13.63 15.98
N CYS B 12 4.57 12.63 15.14
CA CYS B 12 5.58 11.60 15.40
C CYS B 12 6.99 12.12 15.16
#